data_9D2P
#
_entry.id   9D2P
#
_cell.length_a   97.927
_cell.length_b   97.927
_cell.length_c   69.061
_cell.angle_alpha   90.000
_cell.angle_beta   90.000
_cell.angle_gamma   120.000
#
_symmetry.space_group_name_H-M   'P 31 2 1'
#
loop_
_entity.id
_entity.type
_entity.pdbx_description
1 polymer 'Pantothenate kinase 3'
2 non-polymer '2-(4-{2-[4-(6-chloropyridazin-3-yl)piperazin-1-yl]-2-oxoethyl}anilino)-2-oxoethyl acetate'
3 non-polymer 'ACETIC ACID'
4 non-polymer 'MAGNESIUM ION'
5 non-polymer 1,2-ETHANEDIOL
6 non-polymer "ADENOSINE-5'-DIPHOSPHATE"
7 water water
#
_entity_poly.entity_id   1
_entity_poly.type   'polypeptide(L)'
_entity_poly.pdbx_seq_one_letter_code
;MGSSHHHHHHSSGLVPRGSPWFGMDIGGTLVKLSYFEPIDITAEEEQEEVESLKSIRKYLTSNVAYGSTGIRDVHLELKD
LTLFGRRGNLHFIRFPTQDLPTFIQMGRDKNFSTLQTVLCATGGGAYKFEKDFRTIGNLHLHKLDELDCLVKGLLYIDSV
SFNGQAECYYFANASEPERCQKMPFNLDDPYPLLVVNIGSGVSILAVHSKDNYKRVTGTSLGGGTFLGLCSLLTGCESFE
EALEMASKGDSTQADKLVRDIYGGDYERFGLPGWAVASSFGNMIYKEKRESVSKEDLARATLVTITNNIGSVARMCAVNE
KINRVVFVGNFLRVNTLSMKLLAYALDYWSKGQLKALFLEHEGYFGAVGALLGLPNFSDD
;
_entity_poly.pdbx_strand_id   A
#
loop_
_chem_comp.id
_chem_comp.type
_chem_comp.name
_chem_comp.formula
ACY non-polymer 'ACETIC ACID' 'C2 H4 O2'
ADP non-polymer ADENOSINE-5'-DIPHOSPHATE 'C10 H15 N5 O10 P2'
EDO non-polymer 1,2-ETHANEDIOL 'C2 H6 O2'
MG non-polymer 'MAGNESIUM ION' 'Mg 2'
MZI non-polymer '2-(4-{2-[4-(6-chloropyridazin-3-yl)piperazin-1-yl]-2-oxoethyl}anilino)-2-oxoethyl acetate' 'C20 H22 Cl N5 O4'
#
# COMPACT_ATOMS: atom_id res chain seq x y z
N SER A 19 15.93 -20.99 12.04
CA SER A 19 14.72 -20.35 12.52
C SER A 19 13.76 -20.15 11.34
N PRO A 20 12.48 -19.83 11.60
CA PRO A 20 11.61 -19.39 10.50
C PRO A 20 12.18 -18.14 9.85
N TRP A 21 11.99 -18.02 8.54
CA TRP A 21 12.48 -16.86 7.79
C TRP A 21 11.34 -15.86 7.68
N PHE A 22 11.50 -14.66 8.27
CA PHE A 22 10.43 -13.64 8.32
C PHE A 22 10.94 -12.29 7.83
N GLY A 23 10.07 -11.50 7.21
CA GLY A 23 10.42 -10.12 6.83
C GLY A 23 9.34 -9.21 7.38
N MET A 24 9.68 -8.19 8.20
CA MET A 24 8.62 -7.43 8.84
C MET A 24 8.81 -5.96 8.53
N ASP A 25 7.72 -5.29 8.16
CA ASP A 25 7.68 -3.85 7.95
C ASP A 25 6.71 -3.30 8.99
N ILE A 26 7.21 -2.57 9.98
CA ILE A 26 6.35 -2.02 11.00
C ILE A 26 6.07 -0.57 10.64
N GLY A 27 4.87 -0.30 10.12
CA GLY A 27 4.48 1.02 9.69
C GLY A 27 3.82 1.84 10.81
N GLY A 28 3.33 3.02 10.43
CA GLY A 28 2.58 3.85 11.38
C GLY A 28 1.22 3.29 11.73
N THR A 29 0.63 2.42 10.87
CA THR A 29 -0.70 1.88 11.09
C THR A 29 -0.72 0.36 11.09
N LEU A 30 -0.05 -0.27 10.13
CA LEU A 30 -0.07 -1.74 10.03
C LEU A 30 1.34 -2.30 10.10
N VAL A 31 1.45 -3.51 10.66
CA VAL A 31 2.64 -4.36 10.54
C VAL A 31 2.38 -5.30 9.37
N LYS A 32 3.34 -5.42 8.46
CA LYS A 32 3.21 -6.35 7.35
C LYS A 32 4.29 -7.37 7.52
N LEU A 33 3.96 -8.64 7.34
CA LEU A 33 4.92 -9.70 7.61
C LEU A 33 4.95 -10.59 6.40
N SER A 34 6.15 -10.93 5.88
CA SER A 34 6.27 -11.95 4.85
C SER A 34 6.93 -13.15 5.49
N TYR A 35 6.41 -14.35 5.20
CA TYR A 35 6.85 -15.56 5.84
C TYR A 35 7.10 -16.59 4.75
N PHE A 36 8.33 -17.14 4.69
CA PHE A 36 8.67 -18.19 3.72
C PHE A 36 8.44 -19.55 4.36
N GLU A 37 7.46 -20.30 3.84
CA GLU A 37 7.19 -21.64 4.34
C GLU A 37 7.93 -22.66 3.49
N PRO A 38 8.96 -23.36 4.00
CA PRO A 38 9.63 -24.38 3.18
C PRO A 38 8.66 -25.51 2.85
N ILE A 39 8.78 -26.04 1.63
CA ILE A 39 7.97 -27.18 1.23
C ILE A 39 8.83 -28.34 0.77
N ASP A 40 10.14 -28.24 0.94
CA ASP A 40 11.05 -29.29 0.53
C ASP A 40 11.73 -29.93 1.74
N ILE A 41 11.02 -30.02 2.86
CA ILE A 41 11.56 -30.53 4.11
C ILE A 41 11.79 -32.02 3.98
N THR A 42 13.02 -32.48 4.24
CA THR A 42 13.34 -33.90 4.10
C THR A 42 12.77 -34.68 5.28
N ALA A 43 13.02 -35.99 5.23
CA ALA A 43 12.71 -36.86 6.37
C ALA A 43 13.58 -36.49 7.57
N GLU A 44 14.89 -36.29 7.34
CA GLU A 44 15.79 -35.95 8.44
C GLU A 44 15.50 -34.57 9.00
N GLU A 45 15.24 -33.58 8.13
CA GLU A 45 14.96 -32.24 8.63
C GLU A 45 13.70 -32.22 9.50
N GLU A 46 12.69 -33.01 9.11
CA GLU A 46 11.45 -33.04 9.88
C GLU A 46 11.68 -33.60 11.29
N GLN A 47 12.56 -34.60 11.42
CA GLN A 47 12.92 -35.12 12.73
C GLN A 47 13.71 -34.09 13.54
N GLU A 48 14.75 -33.51 12.94
CA GLU A 48 15.62 -32.55 13.62
C GLU A 48 14.94 -31.23 13.95
N GLU A 49 13.67 -31.05 13.61
CA GLU A 49 12.99 -29.78 13.86
C GLU A 49 12.27 -29.81 15.21
N VAL A 50 12.47 -28.77 15.99
CA VAL A 50 11.95 -28.73 17.35
C VAL A 50 10.46 -28.40 17.32
N GLU A 51 9.76 -28.78 18.39
CA GLU A 51 8.30 -28.75 18.38
C GLU A 51 7.76 -27.32 18.21
N SER A 52 8.36 -26.36 18.90
CA SER A 52 7.89 -24.98 18.79
C SER A 52 7.94 -24.50 17.36
N LEU A 53 8.98 -24.89 16.63
CA LEU A 53 9.07 -24.52 15.21
C LEU A 53 8.01 -25.23 14.39
N LYS A 54 7.75 -26.50 14.68
CA LYS A 54 6.67 -27.20 14.01
C LYS A 54 5.34 -26.54 14.32
N SER A 55 5.15 -26.09 15.56
CA SER A 55 3.88 -25.48 15.95
C SER A 55 3.69 -24.09 15.37
N ILE A 56 4.77 -23.32 15.20
CA ILE A 56 4.64 -22.04 14.53
C ILE A 56 4.27 -22.27 13.07
N ARG A 57 4.87 -23.27 12.43
CA ARG A 57 4.57 -23.46 11.02
C ARG A 57 3.12 -23.90 10.84
N LYS A 58 2.64 -24.84 11.66
CA LYS A 58 1.26 -25.29 11.54
C LYS A 58 0.28 -24.17 11.87
N TYR A 59 0.60 -23.37 12.88
CA TYR A 59 -0.28 -22.29 13.29
C TYR A 59 -0.46 -21.28 12.16
N LEU A 60 0.64 -20.91 11.52
CA LEU A 60 0.61 -19.94 10.44
C LEU A 60 -0.07 -20.49 9.19
N THR A 61 0.16 -21.76 8.86
CA THR A 61 -0.40 -22.29 7.62
C THR A 61 -1.80 -22.88 7.79
N SER A 62 -2.29 -23.11 9.01
CA SER A 62 -3.60 -23.71 9.19
C SER A 62 -4.65 -22.71 9.66
N ASN A 63 -4.28 -21.44 9.79
CA ASN A 63 -5.20 -20.38 10.13
C ASN A 63 -5.08 -19.26 9.12
N VAL A 64 -6.20 -18.61 8.79
CA VAL A 64 -6.18 -17.40 7.98
C VAL A 64 -6.40 -16.16 8.85
N ALA A 65 -6.95 -16.31 10.05
CA ALA A 65 -7.11 -15.22 10.99
C ALA A 65 -6.27 -15.57 12.19
N TYR A 66 -5.52 -14.61 12.71
CA TYR A 66 -4.65 -14.86 13.87
C TYR A 66 -5.14 -13.97 15.01
N GLY A 67 -5.52 -14.59 16.13
CA GLY A 67 -6.20 -13.80 17.16
C GLY A 67 -7.35 -12.98 16.58
N SER A 68 -7.56 -11.77 17.11
CA SER A 68 -8.67 -10.96 16.65
C SER A 68 -8.36 -9.98 15.54
N THR A 69 -7.07 -9.64 15.29
CA THR A 69 -6.79 -8.60 14.32
C THR A 69 -5.77 -9.02 13.25
N GLY A 70 -5.25 -10.22 13.29
CA GLY A 70 -4.27 -10.66 12.31
C GLY A 70 -4.94 -11.36 11.14
N ILE A 71 -4.43 -11.11 9.94
CA ILE A 71 -5.04 -11.65 8.73
C ILE A 71 -3.94 -12.15 7.80
N ARG A 72 -4.08 -13.35 7.29
CA ARG A 72 -3.26 -13.81 6.18
C ARG A 72 -3.99 -13.55 4.87
N ASP A 73 -3.33 -12.85 3.97
CA ASP A 73 -3.89 -12.55 2.65
C ASP A 73 -3.56 -13.71 1.72
N VAL A 74 -4.38 -14.76 1.84
CA VAL A 74 -4.13 -16.00 1.11
C VAL A 74 -4.02 -15.79 -0.40
N HIS A 75 -4.79 -14.86 -0.96
CA HIS A 75 -4.80 -14.75 -2.41
C HIS A 75 -3.48 -14.23 -2.95
N LEU A 76 -2.66 -13.61 -2.11
CA LEU A 76 -1.38 -13.08 -2.53
C LEU A 76 -0.25 -14.10 -2.46
N GLU A 77 -0.47 -15.29 -1.90
CA GLU A 77 0.59 -16.25 -1.66
C GLU A 77 1.33 -16.57 -2.95
N LEU A 78 2.67 -16.57 -2.89
CA LEU A 78 3.49 -17.03 -4.00
C LEU A 78 3.87 -18.47 -3.75
N LYS A 79 3.49 -19.35 -4.69
CA LYS A 79 3.70 -20.78 -4.48
C LYS A 79 4.94 -21.30 -5.20
N ASP A 80 5.68 -22.16 -4.51
CA ASP A 80 6.77 -22.91 -5.13
C ASP A 80 7.84 -21.98 -5.66
N LEU A 81 8.18 -20.99 -4.84
CA LEU A 81 9.29 -20.10 -5.08
C LEU A 81 10.57 -20.73 -4.58
N THR A 82 11.68 -20.48 -5.29
CA THR A 82 13.00 -20.90 -4.84
C THR A 82 13.66 -19.69 -4.20
N LEU A 83 13.84 -19.73 -2.89
CA LEU A 83 14.50 -18.64 -2.20
C LEU A 83 15.59 -19.19 -1.29
N PHE A 84 16.77 -18.59 -1.37
CA PHE A 84 17.92 -19.02 -0.57
C PHE A 84 18.18 -20.51 -0.72
N GLY A 85 17.99 -21.03 -1.93
CA GLY A 85 18.32 -22.43 -2.20
C GLY A 85 17.30 -23.44 -1.72
N ARG A 86 16.14 -22.99 -1.24
CA ARG A 86 15.03 -23.85 -0.83
C ARG A 86 13.79 -23.50 -1.63
N ARG A 87 12.92 -24.49 -1.82
CA ARG A 87 11.60 -24.24 -2.39
C ARG A 87 10.61 -24.00 -1.26
N GLY A 88 9.73 -23.04 -1.45
CA GLY A 88 8.72 -22.86 -0.43
C GLY A 88 7.62 -21.99 -0.95
N ASN A 89 6.69 -21.66 -0.04
CA ASN A 89 5.62 -20.73 -0.35
C ASN A 89 5.85 -19.45 0.41
N LEU A 90 5.63 -18.33 -0.25
CA LEU A 90 5.77 -17.03 0.41
C LEU A 90 4.38 -16.52 0.83
N HIS A 91 4.22 -16.25 2.12
CA HIS A 91 2.95 -15.84 2.72
C HIS A 91 2.98 -14.38 3.14
N PHE A 92 1.80 -13.73 3.13
CA PHE A 92 1.66 -12.29 3.36
C PHE A 92 0.63 -12.08 4.47
N ILE A 93 1.05 -11.44 5.59
CA ILE A 93 0.26 -11.40 6.82
C ILE A 93 0.30 -9.97 7.32
N ARG A 94 -0.84 -9.46 7.84
CA ARG A 94 -0.86 -8.10 8.38
C ARG A 94 -1.64 -8.05 9.68
N PHE A 95 -1.29 -7.06 10.51
CA PHE A 95 -2.04 -6.80 11.73
C PHE A 95 -1.73 -5.36 12.16
N PRO A 96 -2.54 -4.78 13.03
CA PRO A 96 -2.33 -3.36 13.37
C PRO A 96 -1.08 -3.18 14.23
N THR A 97 -0.33 -2.12 13.94
CA THR A 97 0.81 -1.80 14.79
C THR A 97 0.39 -1.65 16.25
N GLN A 98 -0.82 -1.15 16.50
CA GLN A 98 -1.35 -1.07 17.86
C GLN A 98 -1.30 -2.44 18.56
N ASP A 99 -1.35 -3.55 17.83
CA ASP A 99 -1.33 -4.86 18.48
C ASP A 99 0.04 -5.53 18.46
N LEU A 100 1.10 -4.82 18.07
CA LEU A 100 2.44 -5.40 18.19
C LEU A 100 2.76 -5.89 19.60
N PRO A 101 2.35 -5.22 20.69
CA PRO A 101 2.63 -5.80 22.01
C PRO A 101 2.05 -7.18 22.19
N THR A 102 0.85 -7.44 21.66
CA THR A 102 0.34 -8.80 21.68
C THR A 102 1.22 -9.75 20.87
N PHE A 103 1.66 -9.34 19.69
CA PHE A 103 2.57 -10.17 18.89
C PHE A 103 3.85 -10.48 19.66
N ILE A 104 4.44 -9.47 20.29
CA ILE A 104 5.69 -9.68 21.00
C ILE A 104 5.46 -10.57 22.21
N GLN A 105 4.33 -10.39 22.90
CA GLN A 105 4.03 -11.20 24.08
C GLN A 105 3.84 -12.67 23.71
N MET A 106 3.23 -12.95 22.55
CA MET A 106 3.10 -14.33 22.12
C MET A 106 4.45 -14.91 21.71
N GLY A 107 5.32 -14.07 21.15
CA GLY A 107 6.68 -14.53 20.87
C GLY A 107 7.48 -14.88 22.11
N ARG A 108 7.21 -14.23 23.24
CA ARG A 108 7.96 -14.48 24.46
C ARG A 108 7.49 -15.72 25.22
N ASP A 109 6.47 -16.42 24.73
CA ASP A 109 6.00 -17.60 25.46
C ASP A 109 6.27 -18.90 24.68
N THR A 117 16.14 -16.88 16.52
CA THR A 117 15.50 -16.31 15.35
C THR A 117 16.14 -14.98 15.01
N VAL A 118 16.40 -14.76 13.72
CA VAL A 118 16.90 -13.49 13.23
C VAL A 118 15.72 -12.75 12.64
N LEU A 119 15.50 -11.51 13.07
CA LEU A 119 14.35 -10.76 12.55
C LEU A 119 14.89 -9.59 11.73
N CYS A 120 14.67 -9.64 10.43
CA CYS A 120 14.93 -8.52 9.56
C CYS A 120 13.68 -7.65 9.55
N ALA A 121 13.85 -6.39 9.97
CA ALA A 121 12.70 -5.51 10.14
C ALA A 121 13.00 -4.13 9.56
N THR A 122 11.98 -3.53 8.96
CA THR A 122 12.09 -2.19 8.39
C THR A 122 10.86 -1.41 8.80
N GLY A 123 10.70 -0.22 8.26
CA GLY A 123 9.65 0.70 8.68
C GLY A 123 10.08 1.47 9.92
N GLY A 124 9.36 2.59 10.19
CA GLY A 124 9.67 3.38 11.37
C GLY A 124 9.59 2.58 12.66
N GLY A 125 8.71 1.57 12.71
CA GLY A 125 8.60 0.82 13.94
C GLY A 125 9.78 -0.06 14.26
N ALA A 126 10.62 -0.38 13.27
CA ALA A 126 11.81 -1.15 13.58
C ALA A 126 12.69 -0.40 14.53
N TYR A 127 12.66 0.94 14.43
CA TYR A 127 13.39 1.80 15.36
C TYR A 127 12.60 2.02 16.64
N LYS A 128 11.35 2.42 16.51
CA LYS A 128 10.55 2.75 17.70
C LYS A 128 10.41 1.55 18.64
N PHE A 129 10.26 0.34 18.08
CA PHE A 129 10.00 -0.84 18.91
C PHE A 129 11.22 -1.73 19.05
N GLU A 130 12.38 -1.23 18.67
CA GLU A 130 13.61 -2.03 18.79
C GLU A 130 13.75 -2.67 20.18
N LYS A 131 13.60 -1.86 21.24
CA LYS A 131 13.81 -2.38 22.58
C LYS A 131 12.78 -3.46 22.94
N ASP A 132 11.57 -3.36 22.37
CA ASP A 132 10.55 -4.36 22.67
C ASP A 132 10.89 -5.71 22.05
N PHE A 133 11.32 -5.71 20.80
CA PHE A 133 11.77 -6.95 20.18
C PHE A 133 12.90 -7.58 20.94
N ARG A 134 13.75 -6.76 21.56
CA ARG A 134 14.85 -7.36 22.29
C ARG A 134 14.43 -7.99 23.61
N THR A 135 13.15 -7.88 24.02
CA THR A 135 12.69 -8.64 25.20
C THR A 135 12.53 -10.11 24.90
N ILE A 136 12.62 -10.50 23.63
CA ILE A 136 12.68 -11.91 23.26
C ILE A 136 14.15 -12.32 23.36
N GLY A 137 14.45 -13.22 24.28
CA GLY A 137 15.84 -13.55 24.57
C GLY A 137 16.57 -14.05 23.32
N ASN A 138 17.83 -13.64 23.20
CA ASN A 138 18.73 -14.04 22.13
C ASN A 138 18.22 -13.68 20.75
N LEU A 139 17.14 -12.89 20.64
CA LEU A 139 16.68 -12.49 19.32
C LEU A 139 17.64 -11.43 18.78
N HIS A 140 18.05 -11.60 17.53
CA HIS A 140 18.85 -10.61 16.85
C HIS A 140 17.92 -9.82 15.91
N LEU A 141 17.83 -8.53 16.17
CA LEU A 141 17.05 -7.63 15.35
C LEU A 141 17.99 -6.91 14.39
N HIS A 142 17.69 -6.96 13.10
CA HIS A 142 18.48 -6.27 12.11
C HIS A 142 17.57 -5.26 11.46
N LYS A 143 17.77 -3.98 11.78
CA LYS A 143 16.98 -2.90 11.17
C LYS A 143 17.52 -2.62 9.78
N LEU A 144 16.63 -2.59 8.80
CA LEU A 144 17.04 -2.38 7.43
C LEU A 144 16.37 -1.15 6.89
N ASP A 145 17.07 -0.50 5.97
CA ASP A 145 16.58 0.75 5.40
C ASP A 145 15.30 0.53 4.61
N GLU A 146 14.29 1.35 4.91
CA GLU A 146 12.98 1.23 4.27
C GLU A 146 13.03 1.47 2.75
N LEU A 147 13.84 2.44 2.29
CA LEU A 147 13.98 2.64 0.84
C LEU A 147 14.60 1.44 0.17
N ASP A 148 15.74 0.96 0.71
CA ASP A 148 16.32 -0.24 0.13
C ASP A 148 15.31 -1.38 0.12
N CYS A 149 14.55 -1.57 1.23
CA CYS A 149 13.64 -2.74 1.34
C CYS A 149 12.48 -2.66 0.34
N LEU A 150 11.82 -1.51 0.27
CA LEU A 150 10.73 -1.33 -0.70
C LEU A 150 11.20 -1.56 -2.12
N VAL A 151 12.31 -0.93 -2.53
CA VAL A 151 12.76 -1.07 -3.93
C VAL A 151 13.17 -2.51 -4.21
N LYS A 152 13.96 -3.13 -3.33
CA LYS A 152 14.33 -4.51 -3.57
C LYS A 152 13.12 -5.45 -3.57
N GLY A 153 12.18 -5.24 -2.65
CA GLY A 153 11.00 -6.11 -2.61
C GLY A 153 10.13 -5.99 -3.85
N LEU A 154 9.93 -4.75 -4.31
CA LEU A 154 9.16 -4.50 -5.52
C LEU A 154 9.82 -5.14 -6.73
N LEU A 155 11.12 -4.89 -6.94
CA LEU A 155 11.79 -5.47 -8.08
C LEU A 155 11.81 -6.99 -8.01
N TYR A 156 11.94 -7.56 -6.80
CA TYR A 156 12.00 -9.01 -6.69
C TYR A 156 10.65 -9.64 -7.06
N ILE A 157 9.56 -9.17 -6.43
CA ILE A 157 8.25 -9.77 -6.72
C ILE A 157 7.91 -9.60 -8.21
N ASP A 158 8.22 -8.44 -8.79
CA ASP A 158 7.94 -8.33 -10.21
C ASP A 158 8.77 -9.33 -11.02
N SER A 159 10.00 -9.59 -10.59
CA SER A 159 10.88 -10.48 -11.34
C SER A 159 10.40 -11.92 -11.29
N VAL A 160 9.86 -12.36 -10.16
CA VAL A 160 9.42 -13.74 -10.05
C VAL A 160 8.00 -13.96 -10.56
N SER A 161 7.21 -12.90 -10.72
CA SER A 161 5.82 -12.89 -11.17
C SER A 161 4.85 -13.35 -10.08
N PHE A 162 3.55 -13.16 -10.33
CA PHE A 162 2.51 -13.50 -9.39
C PHE A 162 1.95 -14.85 -9.82
N ASN A 163 2.69 -15.89 -9.49
CA ASN A 163 2.34 -17.25 -9.91
C ASN A 163 2.13 -17.34 -11.42
N GLY A 164 3.02 -16.68 -12.17
CA GLY A 164 2.98 -16.69 -13.61
C GLY A 164 2.15 -15.58 -14.23
N GLN A 165 1.38 -14.88 -13.43
CA GLN A 165 0.67 -13.68 -13.88
C GLN A 165 1.47 -12.43 -13.59
N ALA A 166 1.13 -11.35 -14.30
CA ALA A 166 1.76 -10.08 -14.05
C ALA A 166 1.56 -9.59 -12.63
N GLU A 167 2.64 -9.08 -12.04
CA GLU A 167 2.48 -8.40 -10.78
C GLU A 167 1.94 -6.98 -10.99
N CYS A 168 2.20 -6.39 -12.16
CA CYS A 168 1.93 -4.97 -12.38
C CYS A 168 0.76 -4.84 -13.35
N TYR A 169 -0.14 -3.89 -13.11
CA TYR A 169 -1.30 -3.74 -13.97
C TYR A 169 -1.65 -2.27 -14.07
N TYR A 170 -2.47 -1.94 -15.06
CA TYR A 170 -2.98 -0.57 -15.22
C TYR A 170 -4.44 -0.67 -15.65
N PHE A 171 -5.13 0.48 -15.71
CA PHE A 171 -6.51 0.49 -16.19
C PHE A 171 -6.51 1.06 -17.61
N ALA A 172 -6.81 0.18 -18.57
CA ALA A 172 -6.84 0.56 -19.97
C ALA A 172 -8.04 1.45 -20.22
N ASN A 173 -7.88 2.41 -21.14
CA ASN A 173 -8.92 3.37 -21.48
C ASN A 173 -9.61 3.89 -20.21
N ALA A 174 -8.78 4.43 -19.32
CA ALA A 174 -9.26 4.89 -18.02
C ALA A 174 -10.26 6.05 -18.12
N SER A 175 -10.31 6.76 -19.24
CA SER A 175 -11.25 7.86 -19.40
C SER A 175 -12.65 7.41 -19.81
N GLU A 176 -12.81 6.21 -20.37
CA GLU A 176 -14.11 5.74 -20.84
C GLU A 176 -14.62 4.59 -19.99
N PRO A 177 -15.65 4.81 -19.16
CA PRO A 177 -16.06 3.76 -18.21
C PRO A 177 -16.56 2.49 -18.87
N GLU A 178 -17.19 2.59 -20.06
CA GLU A 178 -17.64 1.39 -20.78
C GLU A 178 -16.48 0.54 -21.27
N ARG A 179 -15.27 1.10 -21.34
CA ARG A 179 -14.10 0.39 -21.80
C ARG A 179 -13.08 0.11 -20.69
N CYS A 180 -13.03 0.95 -19.66
CA CYS A 180 -12.00 0.88 -18.64
C CYS A 180 -11.94 -0.51 -17.99
N GLN A 181 -10.78 -1.16 -18.10
CA GLN A 181 -10.60 -2.47 -17.48
C GLN A 181 -9.14 -2.67 -17.07
N LYS A 182 -8.97 -3.41 -15.98
CA LYS A 182 -7.65 -3.83 -15.50
C LYS A 182 -6.88 -4.63 -16.55
N MET A 183 -5.64 -4.25 -16.84
CA MET A 183 -4.83 -4.99 -17.83
C MET A 183 -3.39 -5.11 -17.34
N PRO A 184 -2.68 -6.15 -17.74
CA PRO A 184 -1.32 -6.36 -17.21
C PRO A 184 -0.33 -5.39 -17.84
N PHE A 185 0.74 -5.06 -17.11
CA PHE A 185 1.76 -4.14 -17.59
C PHE A 185 3.16 -4.73 -17.37
N ASN A 186 4.01 -4.69 -18.42
CA ASN A 186 5.33 -5.30 -18.34
C ASN A 186 6.36 -4.36 -17.71
N LEU A 187 7.02 -4.84 -16.65
CA LEU A 187 8.07 -4.13 -15.93
C LEU A 187 9.43 -4.82 -16.04
N ASP A 188 9.65 -5.61 -17.09
CA ASP A 188 10.91 -6.33 -17.18
C ASP A 188 12.11 -5.40 -17.33
N ASP A 189 11.91 -4.21 -17.90
CA ASP A 189 12.91 -3.14 -17.83
C ASP A 189 12.25 -1.99 -17.10
N PRO A 190 12.35 -1.95 -15.78
CA PRO A 190 11.50 -1.05 -14.99
C PRO A 190 12.02 0.37 -14.89
N TYR A 191 13.21 0.65 -15.38
CA TYR A 191 13.68 1.98 -15.01
C TYR A 191 13.45 2.97 -16.13
N PRO A 192 13.23 4.25 -15.80
CA PRO A 192 13.07 4.75 -14.43
C PRO A 192 11.62 4.57 -13.94
N LEU A 193 11.39 4.74 -12.64
CA LEU A 193 10.07 4.47 -12.09
C LEU A 193 9.85 5.47 -10.97
N LEU A 194 8.67 6.11 -10.91
CA LEU A 194 8.28 6.91 -9.74
C LEU A 194 7.37 6.05 -8.89
N VAL A 195 7.77 5.81 -7.65
CA VAL A 195 6.99 5.00 -6.74
C VAL A 195 6.30 5.92 -5.73
N VAL A 196 4.97 5.82 -5.64
CA VAL A 196 4.16 6.64 -4.73
C VAL A 196 3.60 5.70 -3.70
N ASN A 197 4.16 5.76 -2.46
CA ASN A 197 3.83 4.81 -1.39
C ASN A 197 2.80 5.47 -0.49
N ILE A 198 1.54 5.07 -0.61
CA ILE A 198 0.46 5.70 0.14
C ILE A 198 0.20 4.80 1.34
N GLY A 199 0.70 5.22 2.51
CA GLY A 199 0.43 4.50 3.74
C GLY A 199 -0.29 5.47 4.68
N SER A 200 0.18 5.60 5.92
CA SER A 200 -0.40 6.61 6.80
C SER A 200 -0.27 8.00 6.14
N GLY A 201 0.94 8.30 5.64
CA GLY A 201 1.24 9.50 4.86
C GLY A 201 1.61 9.07 3.45
N VAL A 202 2.28 9.94 2.71
CA VAL A 202 2.69 9.58 1.35
C VAL A 202 4.17 9.81 1.20
N SER A 203 4.90 8.83 0.68
CA SER A 203 6.29 9.01 0.31
CA SER A 203 6.30 9.03 0.30
C SER A 203 6.44 8.80 -1.19
N ILE A 204 7.32 9.58 -1.82
CA ILE A 204 7.49 9.49 -3.27
C ILE A 204 8.96 9.22 -3.56
N LEU A 205 9.22 8.15 -4.30
CA LEU A 205 10.55 7.65 -4.55
C LEU A 205 10.81 7.70 -6.04
N ALA A 206 12.04 8.02 -6.43
CA ALA A 206 12.44 7.95 -7.83
C ALA A 206 13.46 6.83 -7.95
N VAL A 207 13.18 5.87 -8.83
CA VAL A 207 14.02 4.69 -8.97
C VAL A 207 14.64 4.80 -10.37
N HIS A 208 15.92 5.12 -10.43
CA HIS A 208 16.60 5.22 -11.73
C HIS A 208 17.32 3.95 -12.14
N SER A 209 17.79 3.14 -11.19
CA SER A 209 18.41 1.85 -11.46
C SER A 209 18.23 0.96 -10.23
N LYS A 210 18.69 -0.29 -10.33
CA LYS A 210 18.61 -1.18 -9.18
C LYS A 210 19.45 -0.67 -8.01
N ASP A 211 20.46 0.17 -8.29
CA ASP A 211 21.34 0.73 -7.27
C ASP A 211 21.32 2.27 -7.22
N ASN A 212 20.38 2.92 -7.92
CA ASN A 212 20.29 4.38 -7.95
C ASN A 212 18.84 4.77 -7.71
N TYR A 213 18.51 5.11 -6.49
CA TYR A 213 17.14 5.48 -6.20
C TYR A 213 17.19 6.42 -5.01
N LYS A 214 16.11 7.16 -4.81
CA LYS A 214 16.09 8.20 -3.80
C LYS A 214 14.67 8.48 -3.40
N ARG A 215 14.52 9.05 -2.21
CA ARG A 215 13.25 9.61 -1.79
C ARG A 215 13.15 11.04 -2.34
N VAL A 216 12.12 11.33 -3.13
CA VAL A 216 11.97 12.66 -3.72
C VAL A 216 11.41 13.66 -2.72
N THR A 217 10.29 13.29 -2.11
CA THR A 217 9.57 14.11 -1.16
C THR A 217 8.49 13.24 -0.54
N GLY A 218 7.60 13.86 0.24
CA GLY A 218 6.43 13.18 0.77
C GLY A 218 5.36 14.20 1.02
N THR A 219 4.16 13.71 1.29
CA THR A 219 3.07 14.58 1.69
C THR A 219 2.46 13.94 2.93
N SER A 220 1.83 14.76 3.73
CA SER A 220 1.18 14.23 4.92
CA SER A 220 1.15 14.37 4.95
C SER A 220 -0.29 13.96 4.70
N LEU A 221 -0.80 14.13 3.46
CA LEU A 221 -2.19 13.85 3.19
C LEU A 221 -2.30 12.46 2.60
N GLY A 222 -2.44 11.46 3.45
CA GLY A 222 -2.40 10.08 2.99
C GLY A 222 -3.55 9.26 3.55
N GLY A 223 -3.29 7.95 3.66
CA GLY A 223 -4.33 7.05 4.11
C GLY A 223 -4.82 7.33 5.51
N GLY A 224 -3.91 7.78 6.40
CA GLY A 224 -4.32 8.09 7.77
C GLY A 224 -5.21 9.31 7.80
N THR A 225 -5.00 10.24 6.86
CA THR A 225 -5.86 11.42 6.74
C THR A 225 -7.26 11.03 6.27
N PHE A 226 -7.32 10.14 5.27
CA PHE A 226 -8.62 9.63 4.86
C PHE A 226 -9.37 8.99 6.02
N LEU A 227 -8.73 8.02 6.70
CA LEU A 227 -9.44 7.31 7.76
C LEU A 227 -9.73 8.22 8.95
N GLY A 228 -8.78 9.07 9.32
CA GLY A 228 -8.98 9.93 10.49
C GLY A 228 -10.07 10.96 10.25
N LEU A 229 -10.03 11.64 9.09
CA LEU A 229 -11.09 12.62 8.80
C LEU A 229 -12.42 11.93 8.63
N CYS A 230 -12.43 10.82 7.90
CA CYS A 230 -13.71 10.15 7.70
C CYS A 230 -14.29 9.69 9.04
N SER A 231 -13.44 9.21 9.96
CA SER A 231 -13.98 8.84 11.27
C SER A 231 -14.55 10.07 12.02
N LEU A 232 -13.86 11.19 11.99
CA LEU A 232 -14.39 12.38 12.67
C LEU A 232 -15.73 12.81 12.05
N LEU A 233 -15.82 12.75 10.70
CA LEU A 233 -16.96 13.33 9.99
C LEU A 233 -18.17 12.42 9.96
N THR A 234 -17.96 11.10 10.00
CA THR A 234 -19.05 10.15 9.78
C THR A 234 -19.23 9.18 10.92
N GLY A 235 -18.26 9.05 11.83
CA GLY A 235 -18.37 8.06 12.88
C GLY A 235 -18.07 6.65 12.45
N CYS A 236 -17.56 6.45 11.22
CA CYS A 236 -17.17 5.12 10.77
C CYS A 236 -16.07 4.55 11.69
N GLU A 237 -16.07 3.22 11.88
CA GLU A 237 -15.06 2.66 12.80
C GLU A 237 -14.09 1.68 12.13
N SER A 238 -13.94 1.72 10.82
CA SER A 238 -12.96 0.88 10.13
C SER A 238 -12.73 1.43 8.73
N PHE A 239 -11.56 1.10 8.20
CA PHE A 239 -11.22 1.47 6.83
C PHE A 239 -12.25 0.94 5.84
N GLU A 240 -12.66 -0.34 5.98
CA GLU A 240 -13.61 -0.88 5.03
C GLU A 240 -14.97 -0.21 5.13
N GLU A 241 -15.39 0.14 6.36
CA GLU A 241 -16.66 0.85 6.50
C GLU A 241 -16.59 2.23 5.84
N ALA A 242 -15.45 2.90 5.99
CA ALA A 242 -15.27 4.21 5.35
C ALA A 242 -15.42 4.11 3.83
N LEU A 243 -14.83 3.05 3.24
CA LEU A 243 -14.92 2.84 1.80
C LEU A 243 -16.34 2.50 1.36
N GLU A 244 -17.07 1.70 2.16
CA GLU A 244 -18.43 1.39 1.79
C GLU A 244 -19.33 2.62 1.83
N MET A 245 -19.19 3.46 2.87
CA MET A 245 -19.87 4.75 2.87
C MET A 245 -19.52 5.54 1.63
N ALA A 246 -18.22 5.69 1.33
CA ALA A 246 -17.81 6.52 0.20
C ALA A 246 -18.38 6.01 -1.11
N SER A 247 -18.56 4.69 -1.21
CA SER A 247 -19.09 4.12 -2.43
C SER A 247 -20.54 4.53 -2.69
N LYS A 248 -21.25 4.96 -1.64
CA LYS A 248 -22.63 5.35 -1.78
C LYS A 248 -22.83 6.85 -1.84
N GLY A 249 -21.78 7.66 -1.67
CA GLY A 249 -21.94 9.08 -1.54
C GLY A 249 -21.71 9.85 -2.82
N ASP A 250 -21.96 11.15 -2.74
CA ASP A 250 -21.78 12.05 -3.87
C ASP A 250 -20.87 13.17 -3.35
N SER A 251 -19.59 13.16 -3.73
CA SER A 251 -18.67 14.16 -3.21
C SER A 251 -19.05 15.58 -3.63
N THR A 252 -19.83 15.72 -4.71
CA THR A 252 -20.17 17.08 -5.18
C THR A 252 -21.15 17.80 -4.25
N GLN A 253 -21.77 17.05 -3.33
CA GLN A 253 -22.58 17.69 -2.29
C GLN A 253 -21.71 18.48 -1.32
N ALA A 254 -20.45 18.10 -1.14
CA ALA A 254 -19.56 18.81 -0.23
C ALA A 254 -18.60 19.76 -0.94
N ASP A 255 -18.10 19.34 -2.10
CA ASP A 255 -17.08 20.07 -2.85
C ASP A 255 -17.69 21.20 -3.69
N LYS A 256 -16.92 22.29 -3.83
CA LYS A 256 -17.30 23.39 -4.73
C LYS A 256 -16.58 23.14 -6.06
N LEU A 257 -17.34 23.01 -7.15
CA LEU A 257 -16.76 22.64 -8.43
C LEU A 257 -16.47 23.89 -9.26
N VAL A 258 -15.69 23.71 -10.33
CA VAL A 258 -15.47 24.83 -11.26
C VAL A 258 -16.79 25.37 -11.79
N ARG A 259 -17.75 24.48 -12.09
CA ARG A 259 -19.01 25.02 -12.61
C ARG A 259 -19.80 25.80 -11.55
N ASP A 260 -19.58 25.54 -10.27
CA ASP A 260 -20.25 26.34 -9.24
C ASP A 260 -19.74 27.77 -9.15
N ILE A 261 -18.51 28.01 -9.61
CA ILE A 261 -17.89 29.34 -9.56
C ILE A 261 -18.05 30.08 -10.88
N TYR A 262 -17.86 29.37 -12.00
CA TYR A 262 -17.91 29.95 -13.33
C TYR A 262 -19.26 29.81 -14.00
N GLY A 263 -20.13 28.93 -13.51
CA GLY A 263 -21.37 28.64 -14.23
C GLY A 263 -21.24 27.50 -15.23
N GLY A 264 -20.04 27.02 -15.49
CA GLY A 264 -19.79 26.02 -16.52
C GLY A 264 -18.32 25.69 -16.58
N ASP A 265 -17.85 25.21 -17.73
CA ASP A 265 -16.42 24.96 -17.92
C ASP A 265 -15.64 26.29 -17.93
N TYR A 266 -14.35 26.20 -17.62
CA TYR A 266 -13.44 27.35 -17.74
C TYR A 266 -12.47 27.04 -18.88
N GLU A 267 -12.91 27.36 -20.11
CA GLU A 267 -12.19 26.94 -21.32
C GLU A 267 -10.78 27.51 -21.36
N ARG A 268 -10.63 28.79 -21.00
CA ARG A 268 -9.36 29.50 -21.11
C ARG A 268 -8.21 28.73 -20.48
N PHE A 269 -8.45 27.99 -19.38
CA PHE A 269 -7.38 27.19 -18.80
C PHE A 269 -7.65 25.69 -18.87
N GLY A 270 -8.57 25.27 -19.73
CA GLY A 270 -8.81 23.85 -19.88
C GLY A 270 -9.32 23.19 -18.61
N LEU A 271 -10.14 23.91 -17.84
CA LEU A 271 -10.69 23.31 -16.63
C LEU A 271 -12.13 22.89 -16.88
N PRO A 272 -12.46 21.61 -16.79
CA PRO A 272 -13.85 21.19 -17.04
C PRO A 272 -14.73 21.63 -15.87
N GLY A 273 -16.02 21.83 -16.14
CA GLY A 273 -16.94 22.23 -15.07
C GLY A 273 -16.99 21.28 -13.88
N TRP A 274 -16.69 19.98 -14.10
CA TRP A 274 -16.75 18.98 -13.03
C TRP A 274 -15.51 18.93 -12.17
N ALA A 275 -14.43 19.62 -12.55
CA ALA A 275 -13.24 19.65 -11.70
C ALA A 275 -13.54 20.31 -10.36
N VAL A 276 -12.92 19.79 -9.31
CA VAL A 276 -13.10 20.34 -7.97
C VAL A 276 -12.27 21.61 -7.84
N ALA A 277 -12.94 22.74 -7.58
CA ALA A 277 -12.20 23.97 -7.34
C ALA A 277 -11.84 24.13 -5.87
N SER A 278 -12.68 23.63 -4.97
CA SER A 278 -12.41 23.79 -3.55
C SER A 278 -13.01 22.57 -2.85
N SER A 279 -12.14 21.68 -2.39
CA SER A 279 -12.58 20.51 -1.64
C SER A 279 -13.29 20.92 -0.37
N PHE A 280 -14.43 20.28 -0.07
CA PHE A 280 -15.30 20.67 1.02
C PHE A 280 -15.75 22.13 0.93
N GLY A 281 -15.52 22.79 -0.21
CA GLY A 281 -15.77 24.24 -0.25
C GLY A 281 -17.25 24.63 -0.14
N ASN A 282 -18.16 23.72 -0.44
CA ASN A 282 -19.58 24.02 -0.23
C ASN A 282 -19.97 23.90 1.24
N MET A 283 -19.09 23.37 2.08
CA MET A 283 -19.41 23.25 3.48
C MET A 283 -19.22 24.56 4.23
N ILE A 284 -18.89 25.67 3.54
CA ILE A 284 -18.89 26.93 4.25
C ILE A 284 -20.30 27.43 4.46
N TYR A 285 -21.28 26.80 3.82
CA TYR A 285 -22.65 27.27 3.91
C TYR A 285 -23.42 26.38 4.90
N LYS A 286 -24.04 27.01 5.90
CA LYS A 286 -24.63 26.22 6.97
C LYS A 286 -25.73 25.30 6.45
N GLU A 287 -26.56 25.82 5.52
CA GLU A 287 -27.64 25.01 5.00
C GLU A 287 -27.12 23.78 4.25
N LYS A 288 -25.95 23.89 3.63
CA LYS A 288 -25.39 22.71 2.94
C LYS A 288 -24.81 21.73 3.92
N ARG A 289 -24.20 22.22 5.00
CA ARG A 289 -23.75 21.32 6.05
C ARG A 289 -24.91 20.56 6.66
N GLU A 290 -26.08 21.18 6.74
CA GLU A 290 -27.22 20.47 7.30
C GLU A 290 -27.84 19.46 6.36
N SER A 291 -27.52 19.49 5.06
CA SER A 291 -28.16 18.56 4.16
C SER A 291 -27.25 17.45 3.68
N VAL A 292 -25.93 17.61 3.83
CA VAL A 292 -24.96 16.61 3.35
C VAL A 292 -25.09 15.32 4.15
N SER A 293 -24.92 14.18 3.50
CA SER A 293 -24.97 12.90 4.20
C SER A 293 -23.59 12.48 4.65
N LYS A 294 -23.55 11.50 5.58
CA LYS A 294 -22.25 10.93 5.96
C LYS A 294 -21.56 10.27 4.77
N GLU A 295 -22.33 9.58 3.92
CA GLU A 295 -21.75 8.95 2.74
C GLU A 295 -21.13 9.97 1.81
N ASP A 296 -21.78 11.12 1.66
CA ASP A 296 -21.25 12.19 0.79
C ASP A 296 -19.92 12.69 1.36
N LEU A 297 -19.85 12.89 2.69
CA LEU A 297 -18.63 13.35 3.34
C LEU A 297 -17.53 12.31 3.19
N ALA A 298 -17.87 11.02 3.32
CA ALA A 298 -16.88 9.98 3.14
C ALA A 298 -16.30 10.04 1.74
N ARG A 299 -17.17 10.15 0.73
CA ARG A 299 -16.70 10.21 -0.65
C ARG A 299 -15.89 11.49 -0.89
N ALA A 300 -16.32 12.63 -0.36
CA ALA A 300 -15.51 13.84 -0.53
C ALA A 300 -14.15 13.68 0.12
N THR A 301 -14.09 13.01 1.27
CA THR A 301 -12.77 12.81 1.89
C THR A 301 -11.90 11.95 0.99
N LEU A 302 -12.45 10.87 0.46
CA LEU A 302 -11.68 9.98 -0.41
C LEU A 302 -11.21 10.72 -1.66
N VAL A 303 -12.13 11.47 -2.31
CA VAL A 303 -11.80 12.18 -3.54
C VAL A 303 -10.73 13.22 -3.28
N THR A 304 -10.88 13.94 -2.16
CA THR A 304 -9.94 15.01 -1.82
C THR A 304 -8.51 14.45 -1.67
N ILE A 305 -8.39 13.36 -0.90
CA ILE A 305 -7.08 12.79 -0.61
C ILE A 305 -6.50 12.19 -1.88
N THR A 306 -7.35 11.47 -2.64
CA THR A 306 -6.87 10.80 -3.84
C THR A 306 -6.44 11.77 -4.90
N ASN A 307 -7.23 12.82 -5.15
CA ASN A 307 -6.82 13.81 -6.15
C ASN A 307 -5.54 14.53 -5.72
N ASN A 308 -5.38 14.79 -4.42
CA ASN A 308 -4.15 15.49 -4.00
C ASN A 308 -2.93 14.63 -4.23
N ILE A 309 -3.06 13.32 -3.89
CA ILE A 309 -1.98 12.37 -4.18
C ILE A 309 -1.65 12.33 -5.67
N GLY A 310 -2.68 12.23 -6.53
CA GLY A 310 -2.41 12.22 -7.97
C GLY A 310 -1.71 13.49 -8.42
N SER A 311 -2.12 14.62 -7.87
CA SER A 311 -1.55 15.87 -8.36
C SER A 311 -0.10 15.98 -7.91
N VAL A 312 0.19 15.61 -6.65
CA VAL A 312 1.58 15.61 -6.21
C VAL A 312 2.42 14.63 -7.04
N ALA A 313 1.88 13.44 -7.30
CA ALA A 313 2.61 12.48 -8.12
C ALA A 313 2.90 13.05 -9.50
N ARG A 314 1.93 13.78 -10.06
CA ARG A 314 2.15 14.35 -11.39
C ARG A 314 3.24 15.41 -11.37
N MET A 315 3.21 16.27 -10.36
CA MET A 315 4.25 17.29 -10.27
C MET A 315 5.63 16.66 -10.09
N CYS A 316 5.72 15.62 -9.25
CA CYS A 316 7.02 14.97 -9.05
C CYS A 316 7.47 14.25 -10.32
N ALA A 317 6.56 13.59 -11.01
CA ALA A 317 6.96 12.92 -12.25
C ALA A 317 7.51 13.94 -13.24
N VAL A 318 6.87 15.09 -13.36
CA VAL A 318 7.40 16.12 -14.27
C VAL A 318 8.80 16.57 -13.84
N ASN A 319 9.03 16.77 -12.55
CA ASN A 319 10.36 17.22 -12.14
C ASN A 319 11.41 16.15 -12.29
N GLU A 320 11.04 14.89 -12.02
CA GLU A 320 11.98 13.79 -12.17
C GLU A 320 12.11 13.33 -13.62
N LYS A 321 11.27 13.82 -14.52
CA LYS A 321 11.29 13.40 -15.93
C LYS A 321 11.06 11.90 -16.02
N ILE A 322 10.04 11.44 -15.31
CA ILE A 322 9.69 10.03 -15.23
C ILE A 322 8.23 9.91 -15.63
N ASN A 323 7.92 9.00 -16.57
CA ASN A 323 6.54 8.95 -17.05
C ASN A 323 5.76 7.72 -16.56
N ARG A 324 6.37 6.80 -15.85
CA ARG A 324 5.65 5.66 -15.24
C ARG A 324 5.53 5.88 -13.76
N VAL A 325 4.31 5.96 -13.23
CA VAL A 325 4.07 6.22 -11.83
C VAL A 325 3.37 4.99 -11.24
N VAL A 326 4.04 4.31 -10.32
CA VAL A 326 3.47 3.12 -9.68
C VAL A 326 3.06 3.44 -8.26
N PHE A 327 1.82 3.05 -7.91
CA PHE A 327 1.26 3.39 -6.60
C PHE A 327 1.30 2.14 -5.75
N VAL A 328 1.81 2.26 -4.53
CA VAL A 328 1.86 1.13 -3.60
C VAL A 328 1.33 1.59 -2.24
N GLY A 329 1.38 0.69 -1.26
CA GLY A 329 0.89 1.02 0.08
C GLY A 329 -0.45 0.34 0.30
N ASN A 330 -1.05 0.48 1.49
CA ASN A 330 -2.33 -0.19 1.73
C ASN A 330 -3.51 0.74 1.67
N PHE A 331 -3.27 2.03 1.39
CA PHE A 331 -4.43 2.90 1.14
C PHE A 331 -5.26 2.37 0.00
N LEU A 332 -4.62 1.73 -0.99
CA LEU A 332 -5.35 1.22 -2.16
C LEU A 332 -5.85 -0.23 -2.02
N ARG A 333 -5.60 -0.91 -0.90
CA ARG A 333 -6.16 -2.25 -0.71
C ARG A 333 -7.69 -2.19 -0.70
N VAL A 334 -8.31 -3.13 -1.42
CA VAL A 334 -9.75 -3.26 -1.59
C VAL A 334 -10.38 -1.90 -1.86
N ASN A 335 -9.67 -1.03 -2.61
CA ASN A 335 -10.09 0.36 -2.81
C ASN A 335 -10.06 0.67 -4.31
N THR A 336 -11.00 0.09 -5.05
CA THR A 336 -10.96 0.32 -6.49
C THR A 336 -11.37 1.73 -6.85
N LEU A 337 -12.19 2.39 -6.02
CA LEU A 337 -12.56 3.77 -6.26
C LEU A 337 -11.33 4.63 -6.42
N SER A 338 -10.43 4.54 -5.44
CA SER A 338 -9.25 5.39 -5.48
C SER A 338 -8.34 4.97 -6.61
N MET A 339 -8.22 3.67 -6.89
CA MET A 339 -7.37 3.26 -8.00
C MET A 339 -7.89 3.85 -9.31
N LYS A 340 -9.20 3.73 -9.54
CA LYS A 340 -9.76 4.22 -10.80
C LYS A 340 -9.69 5.73 -10.87
N LEU A 341 -9.89 6.39 -9.74
CA LEU A 341 -9.76 7.85 -9.71
C LEU A 341 -8.32 8.26 -10.05
N LEU A 342 -7.32 7.58 -9.45
CA LEU A 342 -5.94 7.85 -9.84
C LEU A 342 -5.69 7.56 -11.32
N ALA A 343 -6.17 6.43 -11.82
CA ALA A 343 -5.91 6.10 -13.21
C ALA A 343 -6.48 7.16 -14.15
N TYR A 344 -7.71 7.56 -13.88
CA TYR A 344 -8.37 8.52 -14.75
C TYR A 344 -7.71 9.89 -14.65
N ALA A 345 -7.42 10.28 -13.42
CA ALA A 345 -6.98 11.66 -13.17
C ALA A 345 -5.57 11.84 -13.69
N LEU A 346 -4.68 10.86 -13.46
CA LEU A 346 -3.33 11.02 -13.97
C LEU A 346 -3.34 11.08 -15.48
N ASP A 347 -4.15 10.23 -16.12
CA ASP A 347 -4.23 10.26 -17.58
C ASP A 347 -4.88 11.54 -18.07
N TYR A 348 -5.97 11.98 -17.41
CA TYR A 348 -6.66 13.18 -17.89
C TYR A 348 -5.80 14.42 -17.70
N TRP A 349 -5.35 14.66 -16.46
CA TRP A 349 -4.63 15.91 -16.21
C TRP A 349 -3.25 15.93 -16.86
N SER A 350 -2.69 14.77 -17.25
CA SER A 350 -1.39 14.80 -17.91
C SER A 350 -1.51 14.76 -19.40
N LYS A 351 -2.73 14.90 -19.91
CA LYS A 351 -2.98 14.79 -21.34
C LYS A 351 -2.39 13.50 -21.89
N GLY A 352 -2.43 12.44 -21.08
CA GLY A 352 -1.98 11.15 -21.52
C GLY A 352 -0.49 10.93 -21.47
N GLN A 353 0.27 11.85 -20.89
CA GLN A 353 1.72 11.67 -20.81
C GLN A 353 2.15 10.77 -19.66
N LEU A 354 1.34 10.66 -18.62
CA LEU A 354 1.71 9.80 -17.50
C LEU A 354 0.75 8.63 -17.42
N LYS A 355 1.26 7.48 -16.95
CA LYS A 355 0.49 6.26 -16.83
C LYS A 355 0.47 5.87 -15.37
N ALA A 356 -0.73 5.66 -14.79
CA ALA A 356 -0.82 5.13 -13.42
C ALA A 356 -0.71 3.61 -13.43
N LEU A 357 0.18 3.07 -12.62
CA LEU A 357 0.45 1.62 -12.57
C LEU A 357 0.18 1.15 -11.15
N PHE A 358 -0.24 -0.10 -11.01
CA PHE A 358 -0.61 -0.64 -9.71
C PHE A 358 0.06 -2.02 -9.57
N LEU A 359 0.20 -2.49 -8.32
CA LEU A 359 0.90 -3.76 -8.10
C LEU A 359 0.04 -4.64 -7.20
N GLU A 360 -0.03 -5.93 -7.53
CA GLU A 360 -0.89 -6.81 -6.73
C GLU A 360 -0.41 -6.91 -5.28
N HIS A 361 0.90 -6.87 -5.05
CA HIS A 361 1.39 -7.03 -3.69
C HIS A 361 1.71 -5.70 -3.03
N GLU A 362 0.94 -4.65 -3.37
CA GLU A 362 1.32 -3.25 -3.08
C GLU A 362 1.61 -2.96 -1.62
N GLY A 363 0.99 -3.66 -0.69
CA GLY A 363 1.27 -3.34 0.70
C GLY A 363 2.51 -3.97 1.32
N TYR A 364 3.16 -4.94 0.64
CA TYR A 364 4.09 -5.87 1.28
C TYR A 364 5.54 -5.76 0.81
N PHE A 365 5.88 -4.78 -0.03
CA PHE A 365 7.19 -4.83 -0.65
C PHE A 365 8.30 -4.60 0.36
N GLY A 366 8.08 -3.71 1.32
CA GLY A 366 9.07 -3.53 2.39
C GLY A 366 9.32 -4.80 3.17
N ALA A 367 8.24 -5.49 3.56
CA ALA A 367 8.39 -6.74 4.29
C ALA A 367 9.17 -7.75 3.45
N VAL A 368 8.89 -7.85 2.15
CA VAL A 368 9.66 -8.80 1.34
C VAL A 368 11.11 -8.36 1.26
N GLY A 369 11.35 -7.06 1.01
CA GLY A 369 12.73 -6.61 0.93
C GLY A 369 13.50 -6.88 2.20
N ALA A 370 12.86 -6.73 3.35
CA ALA A 370 13.54 -7.07 4.61
C ALA A 370 13.89 -8.53 4.64
N LEU A 371 12.93 -9.40 4.32
CA LEU A 371 13.24 -10.84 4.25
C LEU A 371 14.43 -11.12 3.34
N LEU A 372 14.51 -10.42 2.20
CA LEU A 372 15.59 -10.68 1.27
C LEU A 372 16.95 -10.22 1.81
N GLY A 373 16.97 -9.41 2.87
CA GLY A 373 18.20 -9.04 3.56
C GLY A 373 18.79 -10.09 4.48
N LEU A 374 18.08 -11.20 4.68
CA LEU A 374 18.51 -12.23 5.62
C LEU A 374 19.89 -12.79 5.34
N PRO A 375 20.28 -13.13 4.11
CA PRO A 375 21.61 -13.74 3.92
C PRO A 375 22.76 -12.80 4.25
N ASN A 376 22.54 -11.49 4.34
CA ASN A 376 23.64 -10.61 4.71
C ASN A 376 24.01 -10.70 6.18
N PHE A 377 23.27 -11.48 6.97
CA PHE A 377 23.61 -11.67 8.38
C PHE A 377 23.95 -13.14 8.65
C10 MZI B . 7.02 14.51 4.45
C13 MZI B . 5.52 11.53 4.56
C15 MZI B . 6.82 9.70 5.52
C17 MZI B . 8.29 7.71 4.84
C20 MZI B . 9.77 5.60 2.76
C21 MZI B . 11.06 5.76 1.94
C24 MZI B . 7.47 10.60 6.38
C28 MZI B . 7.58 17.64 2.81
C02 MZI B . 6.57 22.50 2.62
C03 MZI B . 5.76 22.12 3.69
C04 MZI B . 5.77 20.78 4.06
C05 MZI B . 6.57 19.95 3.26
C07 MZI B . 5.69 17.89 4.47
C08 MZI B . 6.32 16.76 5.26
C11 MZI B . 5.91 13.89 5.32
C12 MZI B . 6.19 12.41 5.42
C14 MZI B . 5.85 10.19 4.65
C18 MZI B . 8.55 6.20 4.77
C25 MZI B . 7.17 11.94 6.28
C27 MZI B . 8.17 16.55 3.71
N06 MZI B . 6.67 18.57 3.58
N09 MZI B . 7.17 15.94 4.47
N16 MZI B . 7.11 8.28 5.52
N29 MZI B . 7.29 20.39 2.28
N30 MZI B . 7.29 21.66 1.95
O19 MZI B . 9.79 5.96 4.13
O22 MZI B . 8.80 5.14 2.23
O23 MZI B . 9.07 8.42 4.29
O26 MZI B . 7.82 13.90 3.76
CL01 MZI B . 6.70 24.15 2.08
C ACY C . 5.40 -1.18 0.71
O ACY C . 6.51 -1.30 1.30
OXT ACY C . 4.93 -2.00 -0.14
CH3 ACY C . 4.58 0.07 0.97
MG MG D . 4.56 1.89 5.32
C1 EDO E . -6.25 -6.02 10.06
O1 EDO E . -7.09 -4.86 10.19
C2 EDO E . -4.83 -5.61 9.66
O2 EDO E . -4.85 -5.02 8.35
PB ADP F . 1.85 2.21 7.10
O1B ADP F . 3.07 1.54 6.52
O2B ADP F . 2.16 3.59 7.53
O3B ADP F . 1.31 1.44 8.23
PA ADP F . 0.20 1.16 5.05
O1A ADP F . 0.94 1.10 3.72
O2A ADP F . 0.27 -0.17 5.69
O3A ADP F . 0.74 2.30 5.98
O5' ADP F . -1.28 1.57 4.78
C5' ADP F . -2.03 2.19 5.84
C4' ADP F . -3.29 2.74 5.25
O4' ADP F . -4.01 1.67 4.59
C3' ADP F . -4.23 3.27 6.32
O3' ADP F . -3.99 4.66 6.55
C2' ADP F . -5.60 3.05 5.65
O2' ADP F . -5.92 4.19 4.84
C1' ADP F . -5.39 1.83 4.75
N9 ADP F . -5.85 0.56 5.28
C8 ADP F . -6.15 -0.50 4.53
N7 ADP F . -6.53 -1.50 5.30
C5 ADP F . -6.46 -1.07 6.55
C6 ADP F . -6.75 -1.73 7.72
N6 ADP F . -7.17 -3.00 7.69
N1 ADP F . -6.60 -1.04 8.86
C2 ADP F . -6.18 0.22 8.81
N3 ADP F . -5.90 0.86 7.72
C4 ADP F . -6.04 0.22 6.56
#